data_7ZEO
#
_entry.id   7ZEO
#
_entity_poly.entity_id   1
_entity_poly.type   'polydeoxyribonucleotide'
_entity_poly.pdbx_seq_one_letter_code
;(L1J)(BGM)(DC)(DT)(DA)(DG)(DG)(DG)(DT)(DG)(DG)(DG)(DT)(DG)(DG)(DG)(DT)(DC)(DA)
(DG)
;
_entity_poly.pdbx_strand_id   A
#
loop_
_chem_comp.id
_chem_comp.type
_chem_comp.name
_chem_comp.formula
BGM DNA linking 8-BROMO-2'-DEOXYGUANOSINE-5'-MONOPHOSPHATE 'C10 H13 Br N5 O7 P'
DA DNA linking 2'-DEOXYADENOSINE-5'-MONOPHOSPHATE 'C10 H14 N5 O6 P'
DC DNA linking 2'-DEOXYCYTIDINE-5'-MONOPHOSPHATE 'C9 H14 N3 O7 P'
DG DNA linking 2'-DEOXYGUANOSINE-5'-MONOPHOSPHATE 'C10 H14 N5 O7 P'
DT DNA linking THYMIDINE-5'-MONOPHOSPHATE 'C10 H15 N2 O8 P'
L1J non-polymer 2-azanyl-9-[(2~{R},4~{S},5~{R})-5-(hydroxymethyl)-4-oxidanyl-oxolan-2-yl]-1~{H}-purin-6-one 'C10 H13 N5 O4'
#
# COMPACT_ATOMS: atom_id res chain seq x y z
O5' L1J A 1 -2.05 3.96 -0.81
C5' L1J A 1 -1.81 3.91 -2.21
C4' L1J A 1 -1.18 2.59 -2.70
O4' L1J A 1 0.10 2.45 -2.08
C1' L1J A 1 0.16 1.18 -1.45
N9 L1J A 1 1.04 1.21 -0.27
C8 L1J A 1 2.20 0.48 -0.08
N7 L1J A 1 2.76 0.65 1.09
C5 L1J A 1 1.93 1.61 1.70
C4 L1J A 1 0.90 1.98 0.86
N3 L1J A 1 -0.07 2.90 1.12
C2 L1J A 1 0.02 3.42 2.35
N1 L1J A 1 0.96 3.09 3.27
C6 L1J A 1 1.98 2.19 3.01
O6 L1J A 1 2.80 1.98 3.91
N2 L1J A 1 -0.86 4.34 2.65
C2' L1J A 1 -1.28 0.83 -1.10
C3' L1J A 1 -2.00 1.33 -2.35
O3' L1J A 1 -1.96 0.41 -3.44
HO5' L1J A 1 -1.26 3.59 -0.34
H5'2 L1J A 1 -2.74 4.07 -2.74
H5'1 L1J A 1 -1.14 4.73 -2.49
H4' L1J A 1 -1.06 2.65 -3.78
H1' L1J A 1 0.52 0.45 -2.16
H8 L1J A 1 2.57 -0.21 -0.83
HN1 L1J A 1 0.96 3.52 4.18
HN22 L1J A 1 -1.53 4.58 1.95
HN21 L1J A 1 -0.87 4.78 3.56
H2'2 L1J A 1 -1.41 -0.24 -0.93
H2'1 L1J A 1 -1.64 1.36 -0.23
H3' L1J A 1 -3.04 1.60 -2.12
P BGM A 2 -2.63 -1.05 -3.39
OP1 BGM A 2 -2.80 -1.52 -4.80
OP2 BGM A 2 -3.83 -0.99 -2.53
O5' BGM A 2 -1.52 -1.98 -2.68
C5' BGM A 2 -0.27 -2.25 -3.32
C4' BGM A 2 0.68 -3.08 -2.44
O4' BGM A 2 1.17 -2.35 -1.32
C1' BGM A 2 1.35 -3.34 -0.32
N9 BGM A 2 1.69 -2.86 1.06
C8 BGM A 2 2.80 -3.20 1.80
N7 BGM A 2 2.83 -2.70 3.00
C5 BGM A 2 1.66 -1.94 3.06
C4 BGM A 2 0.95 -2.02 1.87
N3 BGM A 2 -0.22 -1.37 1.61
C2 BGM A 2 -0.65 -0.58 2.60
N2 BGM A 2 -1.74 0.11 2.42
N1 BGM A 2 0.00 -0.44 3.79
C6 BGM A 2 1.16 -1.11 4.12
O6 BGM A 2 1.64 -0.95 5.24
C2' BGM A 2 0.08 -4.16 -0.40
C3' BGM A 2 0.05 -4.39 -1.92
O3' BGM A 2 0.86 -5.52 -2.20
BR BGM A 2 4.21 -4.33 1.22
H5' BGM A 2 0.22 -1.31 -3.58
H5'' BGM A 2 -0.46 -2.80 -4.25
H4' BGM A 2 1.53 -3.36 -3.07
H1' BGM A 2 2.16 -3.99 -0.64
H21 BGM A 2 -2.07 0.78 3.12
H22 BGM A 2 -2.23 -0.01 1.55
H1 BGM A 2 -0.37 0.20 4.48
H2' BGM A 2 0.16 -5.10 0.16
H2'' BGM A 2 -0.79 -3.58 -0.08
H3' BGM A 2 -0.98 -4.52 -2.26
O5' L1J A 1 -2.78 4.31 -3.39
C5' L1J A 1 -1.63 4.12 -2.57
C4' L1J A 1 -0.94 2.78 -2.87
O4' L1J A 1 0.22 2.67 -2.05
C1' L1J A 1 0.20 1.38 -1.46
N9 L1J A 1 1.05 1.30 -0.24
C8 L1J A 1 2.16 0.51 -0.06
N7 L1J A 1 2.71 0.62 1.12
C5 L1J A 1 1.91 1.58 1.76
C4 L1J A 1 0.89 2.01 0.93
N3 L1J A 1 -0.06 2.93 1.24
C2 L1J A 1 0.03 3.41 2.47
N1 L1J A 1 0.98 3.03 3.37
C6 L1J A 1 1.98 2.13 3.09
O6 L1J A 1 2.80 1.86 3.97
N2 L1J A 1 -0.82 4.33 2.81
C2' L1J A 1 -1.27 1.09 -1.22
C3' L1J A 1 -1.85 1.56 -2.55
O3' L1J A 1 -1.72 0.60 -3.60
HO5' L1J A 1 -3.22 5.16 -3.14
H5'2 L1J A 1 -0.91 4.91 -2.77
H5'1 L1J A 1 -1.91 4.15 -1.52
H4' L1J A 1 -0.66 2.75 -3.92
H1' L1J A 1 0.57 0.65 -2.19
H8 L1J A 1 2.52 -0.16 -0.82
HN1 L1J A 1 1.00 3.44 4.30
HN22 L1J A 1 -1.50 4.59 2.13
HN21 L1J A 1 -0.81 4.74 3.74
H2'2 L1J A 1 -1.46 0.04 -1.00
H2'1 L1J A 1 -1.67 1.71 -0.41
H3' L1J A 1 -2.90 1.86 -2.44
P BGM A 2 -2.48 -0.83 -3.57
OP1 BGM A 2 -2.56 -1.32 -4.98
OP2 BGM A 2 -3.74 -0.69 -2.80
O5' BGM A 2 -1.47 -1.78 -2.75
C5' BGM A 2 -0.20 -2.14 -3.29
C4' BGM A 2 0.60 -3.06 -2.35
O4' BGM A 2 1.10 -2.38 -1.21
C1' BGM A 2 1.15 -3.36 -0.19
N9 BGM A 2 1.48 -2.90 1.18
C8 BGM A 2 2.56 -3.28 1.94
N7 BGM A 2 2.61 -2.77 3.13
C5 BGM A 2 1.49 -1.93 3.17
C4 BGM A 2 0.79 -1.99 1.97
N3 BGM A 2 -0.34 -1.28 1.66
C2 BGM A 2 -0.74 -0.48 2.64
N2 BGM A 2 -1.80 0.27 2.44
N1 BGM A 2 -0.11 -0.34 3.84
C6 BGM A 2 1.01 -1.06 4.20
O6 BGM A 2 1.48 -0.91 5.32
C2' BGM A 2 -0.21 -4.06 -0.33
C3' BGM A 2 -0.21 -4.28 -1.84
O3' BGM A 2 0.46 -5.51 -2.14
BR BGM A 2 3.92 -4.50 1.40
H5' BGM A 2 0.37 -1.24 -3.48
H5'' BGM A 2 -0.36 -2.66 -4.23
H4' BGM A 2 1.45 -3.44 -2.92
H1' BGM A 2 1.91 -4.09 -0.49
H21 BGM A 2 -2.14 0.93 3.13
H22 BGM A 2 -2.26 0.19 1.55
H1 BGM A 2 -0.45 0.34 4.51
H2' BGM A 2 -0.22 -5.00 0.24
H2'' BGM A 2 -1.02 -3.41 -0.03
H3' BGM A 2 -1.24 -4.29 -2.23
O5' L1J A 1 -1.70 4.21 -1.02
C5' L1J A 1 -1.39 4.14 -2.41
C4' L1J A 1 -0.79 2.79 -2.85
O4' L1J A 1 0.45 2.60 -2.17
C1' L1J A 1 0.42 1.35 -1.52
N9 L1J A 1 1.24 1.35 -0.29
C8 L1J A 1 2.36 0.59 -0.04
N7 L1J A 1 2.89 0.78 1.14
C5 L1J A 1 2.07 1.76 1.70
C4 L1J A 1 1.08 2.15 0.82
N3 L1J A 1 0.12 3.10 1.04
C2 L1J A 1 0.19 3.65 2.24
N1 L1J A 1 1.08 3.31 3.20
C6 L1J A 1 2.09 2.38 3.00
O6 L1J A 1 2.89 2.17 3.91
N2 L1J A 1 -0.66 4.60 2.49
C2' L1J A 1 -1.05 1.05 -1.24
C3' L1J A 1 -1.68 1.57 -2.54
O3' L1J A 1 -1.60 0.64 -3.62
HO5' L1J A 1 -0.96 3.81 -0.51
H5'2 L1J A 1 -2.30 4.31 -2.99
H5'1 L1J A 1 -0.68 4.92 -2.67
H4' L1J A 1 -0.61 2.83 -3.92
H1' L1J A 1 0.79 0.58 -2.20
H8 L1J A 1 2.75 -0.12 -0.76
HN1 L1J A 1 1.08 3.77 4.10
HN22 L1J A 1 -1.32 4.83 1.76
HN21 L1J A 1 -0.72 5.04 3.40
H2'2 L1J A 1 -1.23 -0.01 -1.06
H2'1 L1J A 1 -1.44 1.62 -0.40
H3' L1J A 1 -2.72 1.88 -2.37
P BGM A 2 -2.34 -0.79 -3.60
OP1 BGM A 2 -2.43 -1.28 -5.01
OP2 BGM A 2 -3.60 -0.68 -2.83
O5' BGM A 2 -1.34 -1.76 -2.79
C5' BGM A 2 -0.07 -2.13 -3.32
C4' BGM A 2 0.76 -3.01 -2.38
O4' BGM A 2 1.27 -2.30 -1.25
C1' BGM A 2 1.38 -3.29 -0.24
N9 BGM A 2 1.74 -2.83 1.13
C8 BGM A 2 2.85 -3.20 1.87
N7 BGM A 2 2.91 -2.67 3.06
C5 BGM A 2 1.79 -1.85 3.10
C4 BGM A 2 1.07 -1.92 1.93
N3 BGM A 2 -0.07 -1.22 1.64
C2 BGM A 2 -0.46 -0.41 2.63
N2 BGM A 2 -1.51 0.35 2.44
N1 BGM A 2 0.19 -0.28 3.82
C6 BGM A 2 1.33 -0.98 4.16
O6 BGM A 2 1.82 -0.82 5.27
C2' BGM A 2 0.08 -4.06 -0.33
C3' BGM A 2 0.00 -4.25 -1.85
O3' BGM A 2 0.68 -5.46 -2.18
BR BGM A 2 4.19 -4.41 1.30
H5' BGM A 2 0.51 -1.21 -3.54
H5'' BGM A 2 -0.21 -2.65 -4.26
H4' BGM A 2 1.62 -3.37 -2.96
H1' BGM A 2 2.17 -3.98 -0.56
H21 BGM A 2 -1.80 1.05 3.12
H22 BGM A 2 -1.99 0.27 1.55
H1 BGM A 2 -0.14 0.40 4.51
H2' BGM A 2 0.13 -5.01 0.20
H2'' BGM A 2 -0.76 -3.46 0.02
H3' BGM A 2 -1.04 -4.26 -2.18
O5' L1J A 1 -2.02 4.02 -0.75
C5' L1J A 1 -1.79 3.96 -2.16
C4' L1J A 1 -1.16 2.63 -2.62
O4' L1J A 1 0.10 2.46 -1.98
C1' L1J A 1 0.13 1.20 -1.36
N9 L1J A 1 1.00 1.20 -0.16
C8 L1J A 1 2.13 0.45 0.06
N7 L1J A 1 2.67 0.64 1.23
C5 L1J A 1 1.86 1.62 1.82
C4 L1J A 1 0.84 1.98 0.96
N3 L1J A 1 -0.13 2.92 1.20
C2 L1J A 1 -0.04 3.46 2.41
N1 L1J A 1 0.89 3.14 3.34
C6 L1J A 1 1.91 2.24 3.11
O6 L1J A 1 2.73 2.05 4.01
N2 L1J A 1 -0.91 4.40 2.67
C2' L1J A 1 -1.33 0.85 -1.04
C3' L1J A 1 -2.03 1.39 -2.29
O3' L1J A 1 -2.01 0.48 -3.39
HO5' L1J A 1 -1.26 3.63 -0.28
H5'2 L1J A 1 -2.72 4.11 -2.69
H5'1 L1J A 1 -1.10 4.76 -2.44
H4' L1J A 1 -1.02 2.68 -3.70
H1' L1J A 1 0.50 0.45 -2.07
H8 L1J A 1 2.50 -0.26 -0.66
HN1 L1J A 1 0.88 3.59 4.25
HN22 L1J A 1 -1.58 4.61 1.95
HN21 L1J A 1 -0.94 4.86 3.58
H2'2 L1J A 1 -1.45 -0.22 -0.88
H2'1 L1J A 1 -1.68 1.38 -0.17
H3' L1J A 1 -3.05 1.68 -2.06
P BGM A 2 -2.74 -0.95 -3.38
OP1 BGM A 2 -2.89 -1.40 -4.78
OP2 BGM A 2 -3.94 -0.86 -2.52
O5' BGM A 2 -1.67 -1.93 -2.65
C5' BGM A 2 -0.42 -2.22 -3.26
C4' BGM A 2 0.48 -3.10 -2.37
O4' BGM A 2 0.98 -2.42 -1.22
C1' BGM A 2 1.23 -3.45 -0.28
N9 BGM A 2 1.58 -3.01 1.09
C8 BGM A 2 2.70 -3.35 1.81
N7 BGM A 2 2.77 -2.81 2.99
C5 BGM A 2 1.64 -2.00 3.05
C4 BGM A 2 0.89 -2.13 1.90
N3 BGM A 2 -0.29 -1.48 1.64
C2 BGM A 2 -0.66 -0.64 2.60
N2 BGM A 2 -1.76 0.05 2.43
N1 BGM A 2 0.03 -0.43 3.76
C6 BGM A 2 1.19 -1.12 4.09
O6 BGM A 2 1.71 -0.90 5.18
C2' BGM A 2 -0.02 -4.32 -0.36
C3' BGM A 2 -0.22 -4.38 -1.87
O3' BGM A 2 0.44 -5.50 -2.46
BR BGM A 2 4.05 -4.56 1.24
H5' BGM A 2 0.11 -1.29 -3.49
H5'' BGM A 2 -0.59 -2.75 -4.19
H4' BGM A 2 1.34 -3.40 -2.98
H1' BGM A 2 2.06 -4.04 -0.67
H21 BGM A 2 -2.08 0.74 3.11
H22 BGM A 2 -2.29 -0.11 1.59
H1 BGM A 2 -0.30 0.25 4.43
H2' BGM A 2 0.15 -5.29 0.09
H2'' BGM A 2 -0.88 -3.82 0.10
H3' BGM A 2 -1.28 -4.37 -2.12
O5' L1J A 1 -1.83 4.08 -1.03
C5' L1J A 1 -1.58 3.94 -2.43
C4' L1J A 1 -1.06 2.55 -2.83
O4' L1J A 1 0.20 2.34 -2.21
C1' L1J A 1 0.16 1.12 -1.49
N9 L1J A 1 1.05 1.15 -0.32
C8 L1J A 1 2.15 0.35 -0.08
N7 L1J A 1 2.76 0.59 1.05
C5 L1J A 1 2.01 1.65 1.58
C4 L1J A 1 0.99 2.01 0.75
N3 L1J A 1 0.08 3.02 0.95
C2 L1J A 1 0.24 3.64 2.12
N1 L1J A 1 1.19 3.32 3.04
C6 L1J A 1 2.15 2.35 2.84
O6 L1J A 1 2.99 2.17 3.71
N2 L1J A 1 -0.56 4.63 2.37
C2' L1J A 1 -1.31 0.89 -1.14
C3' L1J A 1 -1.99 1.39 -2.40
O3' L1J A 1 -2.02 0.40 -3.45
HO5' L1J A 1 -1.08 3.69 -0.54
H5'2 L1J A 1 -2.51 4.14 -2.97
H5'1 L1J A 1 -0.84 4.69 -2.73
H4' L1J A 1 -0.94 2.53 -3.91
H1' L1J A 1 0.47 0.31 -2.17
H8 L1J A 1 2.46 -0.42 -0.78
HN1 L1J A 1 1.24 3.83 3.91
HN22 L1J A 1 -1.25 4.84 1.68
HN21 L1J A 1 -0.55 5.12 3.26
H2'2 L1J A 1 -1.51 -0.15 -0.91
H2'1 L1J A 1 -1.61 1.51 -0.29
H3' L1J A 1 -3.00 1.75 -2.20
P BGM A 2 -2.86 -0.96 -3.34
OP1 BGM A 2 -3.05 -1.49 -4.71
OP2 BGM A 2 -4.07 -0.72 -2.50
O5' BGM A 2 -1.88 -1.97 -2.54
C5' BGM A 2 -0.70 -2.48 -3.14
C4' BGM A 2 0.13 -3.35 -2.17
O4' BGM A 2 0.77 -2.58 -1.15
C1' BGM A 2 0.92 -3.50 -0.07
N9 BGM A 2 1.40 -2.91 1.22
C8 BGM A 2 2.57 -3.24 1.89
N7 BGM A 2 2.72 -2.61 3.02
C5 BGM A 2 1.60 -1.79 3.10
C4 BGM A 2 0.79 -1.96 2.00
N3 BGM A 2 -0.38 -1.28 1.76
C2 BGM A 2 -0.68 -0.38 2.68
N2 BGM A 2 -1.76 0.35 2.52
N1 BGM A 2 0.07 -0.14 3.80
C6 BGM A 2 1.23 -0.83 4.11
O6 BGM A 2 1.81 -0.57 5.15
C2' BGM A 2 -0.43 -4.18 0.01
C3' BGM A 2 -0.68 -4.46 -1.47
O3' BGM A 2 -0.14 -5.73 -1.77
BR BGM A 2 3.85 -4.49 1.31
H5' BGM A 2 -0.08 -1.66 -3.49
H5'' BGM A 2 -0.97 -3.10 -3.99
H4' BGM A 2 0.90 -3.83 -2.76
H1' BGM A 2 1.64 -4.26 -0.38
H21 BGM A 2 -1.98 1.12 3.13
H22 BGM A 2 -2.30 0.19 1.68
H1 BGM A 2 -0.22 0.58 4.45
H2' BGM A 2 -0.38 -5.09 0.61
H2'' BGM A 2 -1.20 -3.51 0.41
H3' BGM A 2 -1.75 -4.39 -1.68
O5' L1J A 1 -1.78 3.88 -0.99
C5' L1J A 1 -1.52 3.74 -2.39
C4' L1J A 1 -1.00 2.35 -2.79
O4' L1J A 1 0.27 2.13 -2.19
C1' L1J A 1 0.22 0.94 -1.43
N9 L1J A 1 1.10 1.00 -0.24
C8 L1J A 1 2.19 0.22 0.02
N7 L1J A 1 2.75 0.45 1.18
C5 L1J A 1 1.98 1.51 1.70
C4 L1J A 1 1.00 1.88 0.82
N3 L1J A 1 0.08 2.88 1.00
C2 L1J A 1 0.20 3.48 2.19
N1 L1J A 1 1.12 3.17 3.12
C6 L1J A 1 2.08 2.21 2.96
O6 L1J A 1 2.88 2.02 3.87
N2 L1J A 1 -0.64 4.46 2.42
C2' L1J A 1 -1.25 0.71 -1.08
C3' L1J A 1 -1.93 1.18 -2.37
O3' L1J A 1 -1.94 0.19 -3.39
HO5' L1J A 1 -1.03 3.51 -0.49
H5'2 L1J A 1 -2.44 3.94 -2.94
H5'1 L1J A 1 -0.79 4.48 -2.69
H4' L1J A 1 -0.89 2.33 -3.87
H1' L1J A 1 0.54 0.10 -2.07
H8 L1J A 1 2.53 -0.56 -0.65
HN1 L1J A 1 1.11 3.66 4.02
HN22 L1J A 1 -1.32 4.66 1.70
HN21 L1J A 1 -0.66 4.93 3.31
H2'2 L1J A 1 -1.45 -0.32 -0.83
H2'1 L1J A 1 -1.57 1.33 -0.25
H3' L1J A 1 -2.93 1.54 -2.16
P BGM A 2 -2.70 -1.23 -3.25
OP1 BGM A 2 -2.91 -1.76 -4.63
OP2 BGM A 2 -3.88 -1.04 -2.38
O5' BGM A 2 -1.62 -2.17 -2.50
C5' BGM A 2 -0.42 -2.57 -3.13
C4' BGM A 2 0.49 -3.40 -2.21
O4' BGM A 2 1.05 -2.65 -1.13
C1' BGM A 2 1.16 -3.57 -0.07
N9 BGM A 2 1.53 -3.04 1.27
C8 BGM A 2 2.63 -3.39 2.02
N7 BGM A 2 2.69 -2.82 3.19
C5 BGM A 2 1.58 -1.99 3.21
C4 BGM A 2 0.84 -2.11 2.04
N3 BGM A 2 -0.29 -1.41 1.74
C2 BGM A 2 -0.66 -0.55 2.68
N2 BGM A 2 -1.71 0.20 2.46
N1 BGM A 2 -0.01 -0.37 3.85
C6 BGM A 2 1.13 -1.08 4.22
O6 BGM A 2 1.64 -0.87 5.32
C2' BGM A 2 -0.16 -4.32 -0.10
C3' BGM A 2 -0.23 -4.63 -1.59
O3' BGM A 2 0.51 -5.83 -1.82
BR BGM A 2 3.97 -4.63 1.50
H5' BGM A 2 0.14 -1.68 -3.44
H5'' BGM A 2 -0.65 -3.15 -4.02
H4' BGM A 2 1.31 -3.77 -2.82
H1' BGM A 2 1.93 -4.29 -0.36
H21 BGM A 2 -2.01 0.92 3.13
H22 BGM A 2 -2.22 0.05 1.60
H1 BGM A 2 -0.35 0.30 4.53
H2' BGM A 2 -0.13 -5.22 0.51
H2'' BGM A 2 -0.98 -3.66 0.19
H3' BGM A 2 -1.27 -4.72 -1.93
O5' L1J A 1 -1.67 4.06 -1.00
C5' L1J A 1 -1.38 4.02 -2.40
C4' L1J A 1 -0.80 2.67 -2.86
O4' L1J A 1 0.45 2.48 -2.20
C1' L1J A 1 0.43 1.22 -1.55
N9 L1J A 1 1.25 1.20 -0.33
C8 L1J A 1 2.31 0.37 -0.05
N7 L1J A 1 2.87 0.59 1.12
C5 L1J A 1 2.13 1.67 1.63
C4 L1J A 1 1.15 2.06 0.76
N3 L1J A 1 0.24 3.07 0.94
C2 L1J A 1 0.38 3.67 2.11
N1 L1J A 1 1.31 3.37 3.04
C6 L1J A 1 2.27 2.38 2.87
O6 L1J A 1 3.09 2.21 3.76
N2 L1J A 1 -0.46 4.65 2.37
C2' L1J A 1 -1.03 0.87 -1.29
C3' L1J A 1 -1.73 1.48 -2.52
O3' L1J A 1 -1.96 0.54 -3.58
HO5' L1J A 1 -0.91 3.69 -0.51
H5'2 L1J A 1 -2.29 4.22 -2.95
H5'1 L1J A 1 -0.65 4.81 -2.64
H4' L1J A 1 -0.66 2.72 -3.93
H1' L1J A 1 0.85 0.48 -2.25
H8 L1J A 1 2.63 -0.41 -0.72
HN1 L1J A 1 1.35 3.88 3.92
HN22 L1J A 1 -1.16 4.84 1.68
HN21 L1J A 1 -0.48 5.12 3.27
H2'2 L1J A 1 -1.19 -0.20 -1.21
H2'1 L1J A 1 -1.39 1.37 -0.40
H3' L1J A 1 -2.70 1.87 -2.20
P BGM A 2 -0.86 -0.29 -4.43
OP1 BGM A 2 0.20 0.63 -4.90
OP2 BGM A 2 -1.60 -1.08 -5.44
O5' BGM A 2 -0.17 -1.34 -3.41
C5' BGM A 2 -0.88 -2.42 -2.85
C4' BGM A 2 0.02 -3.27 -1.95
O4' BGM A 2 0.66 -2.54 -0.91
C1' BGM A 2 1.00 -3.52 0.06
N9 BGM A 2 1.45 -3.00 1.37
C8 BGM A 2 2.57 -3.38 2.08
N7 BGM A 2 2.75 -2.74 3.20
C5 BGM A 2 1.70 -1.84 3.23
C4 BGM A 2 0.88 -1.98 2.12
N3 BGM A 2 -0.24 -1.25 1.84
C2 BGM A 2 -0.51 -0.32 2.76
N2 BGM A 2 -1.55 0.45 2.58
N1 BGM A 2 0.23 -0.09 3.87
C6 BGM A 2 1.36 -0.84 4.21
O6 BGM A 2 1.95 -0.58 5.25
C2' BGM A 2 -0.23 -4.43 0.16
C3' BGM A 2 -0.76 -4.42 -1.28
O3' BGM A 2 -0.51 -5.63 -1.98
BR BGM A 2 3.78 -4.74 1.56
H5' BGM A 2 -1.28 -3.06 -3.64
H5'' BGM A 2 -1.74 -2.05 -2.27
H4' BGM A 2 0.79 -3.72 -2.57
H1' BGM A 2 1.80 -4.12 -0.37
H21 BGM A 2 -1.78 1.21 3.21
H22 BGM A 2 -2.10 0.31 1.75
H1 BGM A 2 -0.02 0.66 4.50
H2' BGM A 2 0.06 -5.43 0.49
H2'' BGM A 2 -0.96 -4.00 0.84
H3' BGM A 2 -1.83 -4.18 -1.26
O5' L1J A 1 -1.60 4.32 -1.03
C5' L1J A 1 -1.32 4.23 -2.42
C4' L1J A 1 -0.79 2.86 -2.86
O4' L1J A 1 0.45 2.61 -2.18
C1' L1J A 1 0.35 1.35 -1.54
N9 L1J A 1 1.20 1.30 -0.33
C8 L1J A 1 2.29 0.50 -0.09
N7 L1J A 1 2.84 0.67 1.07
C5 L1J A 1 2.08 1.69 1.65
C4 L1J A 1 1.08 2.10 0.80
N3 L1J A 1 0.17 3.09 1.03
C2 L1J A 1 0.28 3.62 2.24
N1 L1J A 1 1.20 3.26 3.17
C6 L1J A 1 2.17 2.30 2.95
O6 L1J A 1 2.98 2.08 3.83
N2 L1J A 1 -0.54 4.60 2.51
C2' L1J A 1 -1.13 1.12 -1.26
C3' L1J A 1 -1.74 1.68 -2.54
O3' L1J A 1 -1.70 0.75 -3.63
HO5' L1J A 1 -0.89 3.89 -0.52
H5'2 L1J A 1 -2.23 4.46 -2.98
H5'1 L1J A 1 -0.58 4.98 -2.69
H4' L1J A 1 -0.62 2.89 -3.93
H1' L1J A 1 0.68 0.57 -2.23
H8 L1J A 1 2.63 -0.22 -0.83
HN1 L1J A 1 1.22 3.72 4.07
HN22 L1J A 1 -1.20 4.85 1.80
HN21 L1J A 1 -0.56 5.04 3.42
H2'2 L1J A 1 -1.35 0.08 -1.07
H2'1 L1J A 1 -1.47 1.72 -0.41
H3' L1J A 1 -2.76 2.03 -2.37
P BGM A 2 -2.53 -0.64 -3.63
OP1 BGM A 2 -2.62 -1.11 -5.03
OP2 BGM A 2 -3.80 -0.43 -2.86
O5' BGM A 2 -1.60 -1.66 -2.80
C5' BGM A 2 -0.35 -2.10 -3.33
C4' BGM A 2 0.42 -2.99 -2.34
O4' BGM A 2 0.93 -2.29 -1.21
C1' BGM A 2 1.16 -3.31 -0.26
N9 BGM A 2 1.53 -2.86 1.12
C8 BGM A 2 2.63 -3.25 1.85
N7 BGM A 2 2.72 -2.69 3.02
C5 BGM A 2 1.64 -1.82 3.06
C4 BGM A 2 0.89 -1.92 1.90
N3 BGM A 2 -0.24 -1.19 1.61
C2 BGM A 2 -0.59 -0.34 2.58
N2 BGM A 2 -1.63 0.43 2.40
N1 BGM A 2 0.09 -0.18 3.75
C6 BGM A 2 1.22 -0.91 4.09
O6 BGM A 2 1.74 -0.72 5.18
C2' BGM A 2 -0.09 -4.18 -0.31
C3' BGM A 2 -0.39 -4.19 -1.81
O3' BGM A 2 0.07 -5.38 -2.46
BR BGM A 2 3.90 -4.55 1.31
H5' BGM A 2 0.27 -1.24 -3.58
H5'' BGM A 2 -0.53 -2.67 -4.24
H4' BGM A 2 1.28 -3.40 -2.89
H1' BGM A 2 1.98 -3.91 -0.64
H21 BGM A 2 -1.90 1.16 3.06
H22 BGM A 2 -2.12 0.34 1.52
H1 BGM A 2 -0.21 0.51 4.43
H2' BGM A 2 0.11 -5.18 0.09
H2'' BGM A 2 -0.91 -3.71 0.23
H3' BGM A 2 -1.45 -4.03 -1.98
O5' L1J A 1 -1.85 4.01 -0.83
C5' L1J A 1 -1.61 3.91 -2.23
C4' L1J A 1 -1.02 2.56 -2.65
O4' L1J A 1 0.25 2.40 -2.04
C1' L1J A 1 0.27 1.16 -1.36
N9 L1J A 1 1.16 1.19 -0.18
C8 L1J A 1 2.30 0.46 0.03
N7 L1J A 1 2.84 0.64 1.21
C5 L1J A 1 2.02 1.61 1.80
C4 L1J A 1 1.02 1.99 0.94
N3 L1J A 1 0.05 2.93 1.18
C2 L1J A 1 0.13 3.46 2.38
N1 L1J A 1 1.05 3.13 3.32
C6 L1J A 1 2.07 2.22 3.10
O6 L1J A 1 2.86 2.01 4.00
N2 L1J A 1 -0.72 4.42 2.65
C2' L1J A 1 -1.19 0.84 -1.02
C3' L1J A 1 -1.89 1.34 -2.28
O3' L1J A 1 -1.88 0.40 -3.35
HO5' L1J A 1 -1.09 3.63 -0.34
H5'2 L1J A 1 -2.55 4.07 -2.76
H5'1 L1J A 1 -0.92 4.70 -2.53
H4' L1J A 1 -0.89 2.57 -3.74
H1' L1J A 1 0.63 0.38 -2.04
H8 L1J A 1 2.69 -0.23 -0.70
HN1 L1J A 1 1.04 3.58 4.23
HN22 L1J A 1 -1.38 4.65 1.94
HN21 L1J A 1 -0.75 4.87 3.55
H2'2 L1J A 1 -1.34 -0.22 -0.82
H2'1 L1J A 1 -1.54 1.41 -0.16
H3' L1J A 1 -2.92 1.64 -2.05
P BGM A 2 -2.59 -1.06 -3.26
OP1 BGM A 2 -2.79 -1.54 -4.65
OP2 BGM A 2 -3.77 -0.96 -2.37
O5' BGM A 2 -1.47 -1.99 -2.55
C5' BGM A 2 -0.24 -2.28 -3.19
C4' BGM A 2 0.72 -3.09 -2.32
O4' BGM A 2 1.22 -2.34 -1.21
C1' BGM A 2 1.38 -3.30 -0.18
N9 BGM A 2 1.70 -2.80 1.19
C8 BGM A 2 2.81 -3.12 1.95
N7 BGM A 2 2.81 -2.60 3.14
C5 BGM A 2 1.65 -1.85 3.17
C4 BGM A 2 0.95 -1.94 1.99
N3 BGM A 2 -0.23 -1.31 1.69
C2 BGM A 2 -0.66 -0.51 2.68
N2 BGM A 2 -1.73 0.20 2.46
N1 BGM A 2 -0.02 -0.35 3.87
C6 BGM A 2 1.13 -1.02 4.23
O6 BGM A 2 1.59 -0.84 5.35
C2' BGM A 2 0.12 -4.14 -0.26
C3' BGM A 2 0.09 -4.39 -1.77
O3' BGM A 2 0.92 -5.52 -2.03
BR BGM A 2 4.24 -4.24 1.39
H5' BGM A 2 0.25 -1.34 -3.49
H5'' BGM A 2 -0.44 -2.84 -4.11
H4' BGM A 2 1.58 -3.37 -2.94
H1' BGM A 2 2.20 -3.94 -0.48
H21 BGM A 2 -2.06 0.90 3.13
H22 BGM A 2 -2.21 0.09 1.58
H1 BGM A 2 -0.39 0.31 4.54
H2' BGM A 2 0.22 -5.07 0.31
H2'' BGM A 2 -0.75 -3.56 0.05
H3' BGM A 2 -0.93 -4.54 -2.12
O5' L1J A 1 -1.82 4.14 -0.81
C5' L1J A 1 -1.58 4.10 -2.21
C4' L1J A 1 -1.00 2.77 -2.71
O4' L1J A 1 0.28 2.56 -2.12
C1' L1J A 1 0.28 1.32 -1.45
N9 L1J A 1 1.17 1.33 -0.26
C8 L1J A 1 2.30 0.58 -0.07
N7 L1J A 1 2.87 0.76 1.10
C5 L1J A 1 2.07 1.74 1.70
C4 L1J A 1 1.05 2.13 0.86
N3 L1J A 1 0.10 3.08 1.12
C2 L1J A 1 0.23 3.62 2.33
N1 L1J A 1 1.17 3.29 3.24
C6 L1J A 1 2.16 2.36 3.00
O6 L1J A 1 2.98 2.13 3.88
N2 L1J A 1 -0.58 4.61 2.60
C2' L1J A 1 -1.18 1.01 -1.12
C3' L1J A 1 -1.87 1.54 -2.38
O3' L1J A 1 -1.81 0.63 -3.48
HO5' L1J A 1 -1.05 3.76 -0.34
H5'2 L1J A 1 -2.51 4.30 -2.74
H5'1 L1J A 1 -0.87 4.89 -2.47
H4' L1J A 1 -0.89 2.84 -3.79
H1' L1J A 1 0.63 0.54 -2.13
H8 L1J A 1 2.67 -0.12 -0.80
HN1 L1J A 1 1.20 3.75 4.13
HN22 L1J A 1 -1.26 4.85 1.90
HN21 L1J A 1 -0.58 5.07 3.51
H2'2 L1J A 1 -1.34 -0.05 -0.94
H2'1 L1J A 1 -1.51 1.57 -0.25
H3' L1J A 1 -2.90 1.83 -2.17
P BGM A 2 -2.52 -0.82 -3.47
OP1 BGM A 2 -2.64 -1.28 -4.88
OP2 BGM A 2 -3.75 -0.76 -2.64
O5' BGM A 2 -1.45 -1.76 -2.72
C5' BGM A 2 -0.18 -2.04 -3.30
C4' BGM A 2 0.72 -2.88 -2.37
O4' BGM A 2 1.13 -2.19 -1.19
C1' BGM A 2 1.40 -3.22 -0.26
N9 BGM A 2 1.69 -2.79 1.13
C8 BGM A 2 2.78 -3.18 1.90
N7 BGM A 2 2.84 -2.62 3.07
C5 BGM A 2 1.74 -1.78 3.09
C4 BGM A 2 1.01 -1.88 1.93
N3 BGM A 2 -0.13 -1.18 1.64
C2 BGM A 2 -0.51 -0.33 2.60
N2 BGM A 2 -1.57 0.42 2.41
N1 BGM A 2 0.16 -0.16 3.78
C6 BGM A 2 1.30 -0.87 4.12
O6 BGM A 2 1.80 -0.68 5.22
C2' BGM A 2 0.21 -4.16 -0.39
C3' BGM A 2 0.04 -4.20 -1.92
O3' BGM A 2 0.74 -5.29 -2.52
BR BGM A 2 4.09 -4.44 1.38
H5' BGM A 2 0.34 -1.11 -3.53
H5'' BGM A 2 -0.31 -2.59 -4.23
H4' BGM A 2 1.61 -3.14 -2.94
H1' BGM A 2 2.27 -3.76 -0.63
H21 BGM A 2 -1.84 1.14 3.07
H22 BGM A 2 -2.06 0.33 1.54
H1 BGM A 2 -0.17 0.52 4.44
H2' BGM A 2 0.44 -5.14 0.03
H2'' BGM A 2 -0.67 -3.74 0.07
H3' BGM A 2 -1.01 -4.20 -2.18
#